data_6BTO
#
_entry.id   6BTO
#
_cell.length_a   90.291
_cell.length_b   124.643
_cell.length_c   43.776
_cell.angle_alpha   90.000
_cell.angle_beta   90.000
_cell.angle_gamma   90.000
#
_symmetry.space_group_name_H-M   'P 21 21 21'
#
loop_
_entity.id
_entity.type
_entity.pdbx_description
1 polymer 'Bone morphogenetic protein 1'
2 non-polymer 'THIOCYANATE ION'
3 non-polymer 'ZINC ION'
4 non-polymer '(2~{S})-2-[[(1~{R},3~{S},4~{S})-2-[(2~{R})-2-[2-(oxidanylamino)-2-oxidanylidene-ethyl]heptanoyl]-2-azabicyclo[2.2.1]heptan-3-yl]carbonylamino]-2-phenyl-ethanoic acid'
5 non-polymer 1,2-ETHANEDIOL
6 water water
#
_entity_poly.entity_id   1
_entity_poly.type   'polypeptide(L)'
_entity_poly.pdbx_seq_one_letter_code
;MAATSRPERVWPDGVIPFVIGGNFTGSQRAVFRQAMRHWEKHTCVTFLERTDEDSYIVFTYRPCGCCSYVGRRGGGPQAI
SIGKNCDKFGIVVHELGHVVGFWHEHTRPDRDRHVSIVRENIQPGQEYNFLKMEPQEVESLGETYDFDSIMHYARNTFSR
GIFLDTIVPKYEVNGVKPPIGQRTRLSKGDIAQARKLYKCPA
;
_entity_poly.pdbx_strand_id   A,B
#
loop_
_chem_comp.id
_chem_comp.type
_chem_comp.name
_chem_comp.formula
E8P non-polymer '(2~{S})-2-[[(1~{R},3~{S},4~{S})-2-[(2~{R})-2-[2-(oxidanylamino)-2-oxidanylidene-ethyl]heptanoyl]-2-azabicyclo[2.2.1]heptan-3-yl]carbonylamino]-2-phenyl-ethanoic acid' 'C24 H33 N3 O6'
EDO non-polymer 1,2-ETHANEDIOL 'C2 H6 O2'
SCN non-polymer 'THIOCYANATE ION' 'C N S -1'
ZN non-polymer 'ZINC ION' 'Zn 2'
#
# COMPACT_ATOMS: atom_id res chain seq x y z
N ALA A 2 16.48 11.96 -8.93
CA ALA A 2 16.99 11.92 -7.51
C ALA A 2 17.87 10.71 -7.27
N ALA A 3 19.18 10.90 -7.42
CA ALA A 3 20.17 9.86 -7.16
C ALA A 3 20.62 9.92 -5.71
N THR A 4 20.86 8.74 -5.13
CA THR A 4 21.47 8.67 -3.81
C THR A 4 22.84 9.38 -3.77
N SER A 5 23.08 10.10 -2.68
CA SER A 5 24.32 10.86 -2.46
C SER A 5 25.38 10.05 -1.74
N ARG A 6 24.99 8.87 -1.24
CA ARG A 6 25.84 8.06 -0.39
C ARG A 6 26.67 7.13 -1.29
N PRO A 7 28.02 7.21 -1.22
CA PRO A 7 28.86 6.37 -2.10
C PRO A 7 28.65 4.85 -1.90
N GLU A 8 28.41 4.42 -0.67
CA GLU A 8 28.27 2.98 -0.35
C GLU A 8 27.05 2.27 -1.00
N ARG A 9 25.99 3.02 -1.28
CA ARG A 9 24.84 2.47 -2.02
C ARG A 9 25.07 2.38 -3.55
N VAL A 10 26.15 2.96 -4.06
CA VAL A 10 26.50 2.85 -5.48
C VAL A 10 27.17 1.49 -5.71
N TRP A 11 26.68 0.72 -6.69
CA TRP A 11 27.23 -0.60 -6.97
C TRP A 11 28.65 -0.49 -7.58
N PRO A 12 29.65 -1.12 -6.95
CA PRO A 12 31.02 -1.06 -7.49
C PRO A 12 31.16 -1.45 -8.98
N ASP A 13 31.84 -0.59 -9.74
CA ASP A 13 32.02 -0.71 -11.20
C ASP A 13 30.72 -0.75 -12.01
N GLY A 14 29.59 -0.38 -11.39
CA GLY A 14 28.29 -0.53 -12.01
C GLY A 14 27.86 -1.95 -12.32
N VAL A 15 28.49 -2.94 -11.67
CA VAL A 15 28.16 -4.36 -11.90
C VAL A 15 27.19 -4.79 -10.81
N ILE A 16 26.02 -5.26 -11.24
CA ILE A 16 24.94 -5.65 -10.35
C ILE A 16 24.65 -7.11 -10.63
N PRO A 17 25.04 -8.01 -9.70
CA PRO A 17 24.68 -9.41 -9.94
C PRO A 17 23.22 -9.69 -9.59
N PHE A 18 22.62 -10.68 -10.25
CA PHE A 18 21.20 -11.02 -10.02
C PHE A 18 20.91 -12.52 -9.90
N VAL A 19 19.84 -12.83 -9.17
CA VAL A 19 19.19 -14.13 -9.18
C VAL A 19 17.74 -13.91 -9.58
N ILE A 20 17.25 -14.70 -10.54
CA ILE A 20 15.80 -14.79 -10.78
C ILE A 20 15.28 -15.94 -9.94
N GLY A 21 14.44 -15.65 -8.96
CA GLY A 21 13.85 -16.66 -8.09
C GLY A 21 12.87 -17.57 -8.80
N GLY A 22 12.35 -18.55 -8.06
CA GLY A 22 11.38 -19.49 -8.59
C GLY A 22 9.97 -18.94 -8.73
N ASN A 23 9.09 -19.78 -9.24
CA ASN A 23 7.64 -19.51 -9.40
C ASN A 23 7.24 -18.49 -10.47
N PHE A 24 8.18 -18.04 -11.31
CA PHE A 24 7.87 -17.16 -12.44
C PHE A 24 7.71 -17.98 -13.70
N THR A 25 6.85 -17.51 -14.61
CA THR A 25 6.75 -18.14 -15.94
C THR A 25 8.00 -17.78 -16.74
N GLY A 26 8.29 -18.59 -17.77
CA GLY A 26 9.37 -18.28 -18.72
C GLY A 26 9.21 -16.89 -19.32
N SER A 27 7.97 -16.56 -19.67
CA SER A 27 7.59 -15.23 -20.15
C SER A 27 8.00 -14.10 -19.20
N GLN A 28 7.63 -14.24 -17.93
CA GLN A 28 8.01 -13.26 -16.90
C GLN A 28 9.52 -13.15 -16.74
N ARG A 29 10.19 -14.29 -16.73
CA ARG A 29 11.67 -14.33 -16.63
C ARG A 29 12.34 -13.54 -17.75
N ALA A 30 11.79 -13.66 -18.96
CA ALA A 30 12.31 -12.94 -20.14
C ALA A 30 12.14 -11.43 -20.01
N VAL A 31 11.01 -10.99 -19.46
CA VAL A 31 10.78 -9.56 -19.22
C VAL A 31 11.81 -8.98 -18.23
N PHE A 32 12.18 -9.75 -17.20
CA PHE A 32 13.21 -9.29 -16.25
C PHE A 32 14.54 -9.07 -16.93
N ARG A 33 14.87 -10.03 -17.79
CA ARG A 33 16.07 -9.97 -18.60
C ARG A 33 16.09 -8.76 -19.51
N GLN A 34 14.97 -8.51 -20.17
CA GLN A 34 14.87 -7.36 -21.08
C GLN A 34 14.98 -6.04 -20.32
N ALA A 35 14.37 -5.99 -19.13
CA ALA A 35 14.45 -4.78 -18.28
C ALA A 35 15.88 -4.46 -17.84
N MET A 36 16.62 -5.48 -17.44
CA MET A 36 18.05 -5.30 -17.11
C MET A 36 18.89 -4.88 -18.32
N ARG A 37 18.60 -5.50 -19.47
CA ARG A 37 19.23 -5.17 -20.74
C ARG A 37 18.94 -3.72 -21.15
N HIS A 38 17.71 -3.27 -20.93
CA HIS A 38 17.32 -1.90 -21.25
C HIS A 38 18.18 -0.88 -20.49
N TRP A 39 18.49 -1.20 -19.24
CA TRP A 39 19.42 -0.40 -18.47
C TRP A 39 20.82 -0.42 -19.11
N GLU A 40 21.26 -1.60 -19.54
CA GLU A 40 22.58 -1.77 -20.16
C GLU A 40 22.75 -1.06 -21.51
N LYS A 41 21.69 -0.99 -22.32
CA LYS A 41 21.82 -0.45 -23.67
C LYS A 41 22.28 1.02 -23.68
N HIS A 42 21.86 1.78 -22.67
CA HIS A 42 22.05 3.22 -22.65
C HIS A 42 23.08 3.70 -21.60
N THR A 43 23.60 2.79 -20.77
CA THR A 43 24.50 3.14 -19.66
C THR A 43 25.64 2.14 -19.54
N CYS A 44 26.58 2.43 -18.65
CA CYS A 44 27.69 1.51 -18.32
C CYS A 44 27.35 0.56 -17.16
N VAL A 45 26.09 0.56 -16.72
CA VAL A 45 25.63 -0.38 -15.70
C VAL A 45 25.52 -1.76 -16.35
N THR A 46 25.93 -2.80 -15.62
CA THR A 46 25.90 -4.17 -16.13
C THR A 46 25.27 -5.13 -15.12
N PHE A 47 24.41 -6.01 -15.62
CA PHE A 47 23.79 -7.06 -14.83
C PHE A 47 24.41 -8.40 -15.20
N LEU A 48 24.86 -9.12 -14.18
CA LEU A 48 25.53 -10.41 -14.36
C LEU A 48 24.80 -11.47 -13.55
N GLU A 49 24.70 -12.67 -14.09
CA GLU A 49 24.21 -13.82 -13.32
C GLU A 49 25.08 -13.99 -12.10
N ARG A 50 24.43 -14.17 -10.97
CA ARG A 50 25.15 -14.30 -9.73
C ARG A 50 25.88 -15.62 -9.65
N THR A 51 27.19 -15.57 -9.40
CA THR A 51 28.00 -16.77 -9.17
C THR A 51 28.26 -16.89 -7.67
N ASP A 52 29.22 -16.11 -7.17
CA ASP A 52 29.59 -16.13 -5.75
C ASP A 52 29.72 -14.73 -5.13
N GLU A 53 28.98 -13.76 -5.67
CA GLU A 53 28.99 -12.39 -5.13
C GLU A 53 28.17 -12.34 -3.86
N ASP A 54 28.64 -11.61 -2.86
CA ASP A 54 27.95 -11.49 -1.58
C ASP A 54 26.70 -10.59 -1.69
N SER A 55 26.79 -9.54 -2.50
CA SER A 55 25.68 -8.61 -2.69
C SER A 55 25.08 -8.76 -4.08
N TYR A 56 23.76 -8.93 -4.14
CA TYR A 56 23.05 -9.17 -5.39
C TYR A 56 21.55 -9.01 -5.20
N ILE A 57 20.83 -8.87 -6.31
CA ILE A 57 19.37 -8.70 -6.28
C ILE A 57 18.66 -10.02 -6.54
N VAL A 58 17.49 -10.19 -5.93
CA VAL A 58 16.68 -11.39 -6.12
C VAL A 58 15.28 -11.01 -6.58
N PHE A 59 14.95 -11.34 -7.83
CA PHE A 59 13.59 -11.19 -8.34
C PHE A 59 12.76 -12.25 -7.64
N THR A 60 11.84 -11.82 -6.79
CA THR A 60 11.11 -12.68 -5.87
C THR A 60 9.62 -12.64 -6.19
N TYR A 61 9.04 -13.81 -6.44
CA TYR A 61 7.60 -13.93 -6.73
C TYR A 61 6.81 -13.70 -5.44
N ARG A 62 6.08 -12.58 -5.40
CA ARG A 62 5.62 -12.01 -4.14
C ARG A 62 4.65 -10.85 -4.45
N PRO A 63 3.65 -10.60 -3.57
CA PRO A 63 2.80 -9.42 -3.71
C PRO A 63 3.58 -8.11 -3.90
N CYS A 64 3.06 -7.23 -4.75
CA CYS A 64 3.68 -5.94 -5.02
C CYS A 64 3.63 -5.05 -3.79
N GLY A 65 4.66 -4.22 -3.59
CA GLY A 65 4.67 -3.24 -2.51
C GLY A 65 6.04 -3.08 -1.84
N CYS A 66 6.03 -2.99 -0.51
CA CYS A 66 7.22 -2.67 0.27
C CYS A 66 8.22 -3.85 0.33
N CYS A 67 9.52 -3.63 0.08
CA CYS A 67 10.14 -2.36 -0.31
C CYS A 67 11.36 -2.63 -1.18
N SER A 68 11.64 -1.70 -2.08
CA SER A 68 12.77 -1.82 -3.00
C SER A 68 13.92 -0.97 -2.51
N TYR A 69 14.95 -1.63 -1.99
CA TYR A 69 16.10 -0.91 -1.48
C TYR A 69 16.73 -0.05 -2.58
N VAL A 70 17.07 1.19 -2.23
CA VAL A 70 17.68 2.10 -3.19
C VAL A 70 19.19 1.89 -3.18
N GLY A 71 19.73 1.42 -4.31
CA GLY A 71 21.15 1.14 -4.43
C GLY A 71 21.54 -0.23 -3.89
N ARG A 72 22.82 -0.37 -3.56
CA ARG A 72 23.42 -1.59 -3.03
C ARG A 72 23.33 -1.58 -1.52
N ARG A 73 22.55 -2.49 -0.95
CA ARG A 73 22.46 -2.58 0.50
C ARG A 73 23.77 -3.12 1.07
N GLY A 74 24.31 -4.17 0.45
CA GLY A 74 25.57 -4.76 0.87
C GLY A 74 25.39 -5.80 1.96
N GLY A 75 26.36 -6.69 2.07
CA GLY A 75 26.34 -7.75 3.08
C GLY A 75 25.25 -8.80 2.92
N GLY A 76 24.75 -9.00 1.70
CA GLY A 76 23.76 -10.03 1.41
C GLY A 76 22.82 -9.71 0.25
N PRO A 77 21.87 -10.62 -0.05
CA PRO A 77 20.87 -10.36 -1.08
C PRO A 77 19.87 -9.27 -0.70
N GLN A 78 19.26 -8.65 -1.71
CA GLN A 78 18.12 -7.75 -1.51
C GLN A 78 17.02 -8.13 -2.52
N ALA A 79 15.78 -8.16 -2.05
CA ALA A 79 14.66 -8.69 -2.84
C ALA A 79 13.96 -7.62 -3.67
N ILE A 80 13.50 -8.00 -4.87
CA ILE A 80 12.56 -7.20 -5.65
C ILE A 80 11.27 -7.99 -5.71
N SER A 81 10.21 -7.42 -5.14
CA SER A 81 8.88 -8.05 -5.12
C SER A 81 8.17 -7.85 -6.46
N ILE A 82 8.01 -8.92 -7.22
CA ILE A 82 7.26 -8.88 -8.48
C ILE A 82 6.05 -9.79 -8.36
N GLY A 83 4.87 -9.18 -8.45
CA GLY A 83 3.60 -9.91 -8.38
C GLY A 83 2.78 -9.66 -9.64
N LYS A 84 1.57 -10.21 -9.63
CA LYS A 84 0.61 -10.13 -10.72
C LYS A 84 0.53 -8.75 -11.36
N ASN A 85 0.43 -7.73 -10.52
CA ASN A 85 0.17 -6.36 -10.98
C ASN A 85 1.39 -5.43 -11.10
N CYS A 86 2.61 -5.96 -11.04
CA CYS A 86 3.81 -5.12 -11.20
C CYS A 86 4.92 -5.89 -11.90
N ASP A 87 4.55 -6.66 -12.91
CA ASP A 87 5.48 -7.52 -13.64
C ASP A 87 5.75 -7.06 -15.07
N LYS A 88 5.10 -5.97 -15.51
CA LYS A 88 5.31 -5.45 -16.87
C LYS A 88 6.68 -4.79 -16.96
N PHE A 89 7.23 -4.82 -18.16
CA PHE A 89 8.57 -4.32 -18.46
C PHE A 89 8.90 -2.99 -17.77
N GLY A 90 8.09 -1.97 -18.02
CA GLY A 90 8.36 -0.62 -17.51
C GLY A 90 8.36 -0.48 -16.00
N ILE A 91 7.51 -1.25 -15.35
CA ILE A 91 7.46 -1.32 -13.88
C ILE A 91 8.76 -1.96 -13.37
N VAL A 92 9.20 -3.04 -14.02
CA VAL A 92 10.48 -3.69 -13.67
C VAL A 92 11.64 -2.72 -13.85
N VAL A 93 11.64 -1.96 -14.94
CA VAL A 93 12.67 -0.92 -15.20
C VAL A 93 12.68 0.12 -14.08
N HIS A 94 11.49 0.51 -13.63
CA HIS A 94 11.34 1.43 -12.48
C HIS A 94 11.98 0.83 -11.23
N GLU A 95 11.65 -0.42 -10.92
CA GLU A 95 12.21 -1.12 -9.77
C GLU A 95 13.74 -1.23 -9.84
N LEU A 96 14.25 -1.51 -11.04
CA LEU A 96 15.69 -1.58 -11.26
C LEU A 96 16.33 -0.20 -11.14
N GLY A 97 15.59 0.85 -11.47
CA GLY A 97 15.95 2.23 -11.11
C GLY A 97 16.27 2.40 -9.63
N HIS A 98 15.43 1.85 -8.76
CA HIS A 98 15.71 1.86 -7.32
C HIS A 98 17.01 1.12 -7.06
N VAL A 99 17.13 -0.08 -7.64
CA VAL A 99 18.32 -0.92 -7.45
C VAL A 99 19.62 -0.20 -7.82
N VAL A 100 19.65 0.52 -8.94
CA VAL A 100 20.89 1.20 -9.36
C VAL A 100 21.21 2.43 -8.48
N GLY A 101 20.18 3.00 -7.83
CA GLY A 101 20.35 4.06 -6.82
C GLY A 101 19.47 5.30 -6.95
N PHE A 102 18.23 5.12 -7.41
CA PHE A 102 17.34 6.23 -7.69
C PHE A 102 16.16 6.20 -6.70
N TRP A 103 15.89 7.35 -6.08
CA TRP A 103 14.66 7.58 -5.32
C TRP A 103 13.59 8.03 -6.29
N HIS A 104 12.37 8.26 -5.80
CA HIS A 104 11.32 8.82 -6.66
C HIS A 104 11.63 10.28 -6.96
N GLU A 105 11.44 10.68 -8.21
CA GLU A 105 11.75 12.04 -8.67
C GLU A 105 10.92 13.12 -7.99
N HIS A 106 9.65 12.81 -7.68
CA HIS A 106 8.76 13.78 -7.01
C HIS A 106 9.15 14.09 -5.57
N THR A 107 10.09 13.33 -5.00
CA THR A 107 10.59 13.59 -3.65
C THR A 107 11.94 14.33 -3.61
N ARG A 108 12.43 14.79 -4.76
CA ARG A 108 13.58 15.67 -4.81
C ARG A 108 13.42 16.84 -3.82
N PRO A 109 14.51 17.24 -3.14
CA PRO A 109 14.44 18.39 -2.23
C PRO A 109 13.89 19.69 -2.86
N ASP A 110 14.14 19.88 -4.16
CA ASP A 110 13.63 21.04 -4.91
C ASP A 110 12.27 20.83 -5.62
N ARG A 111 11.57 19.75 -5.31
CA ARG A 111 10.36 19.37 -6.09
C ARG A 111 9.23 20.39 -6.05
N ASP A 112 9.14 21.16 -4.96
CA ASP A 112 8.08 22.17 -4.80
C ASP A 112 8.15 23.31 -5.80
N ARG A 113 9.29 23.51 -6.44
CA ARG A 113 9.39 24.46 -7.56
C ARG A 113 8.78 23.91 -8.87
N HIS A 114 8.56 22.59 -8.92
CA HIS A 114 8.18 21.90 -10.17
C HIS A 114 6.79 21.26 -10.18
N VAL A 115 6.35 20.77 -9.01
CA VAL A 115 5.04 20.15 -8.87
C VAL A 115 4.34 20.63 -7.60
N SER A 116 3.01 20.67 -7.65
CA SER A 116 2.20 20.84 -6.46
C SER A 116 1.76 19.46 -6.01
N ILE A 117 1.79 19.21 -4.71
CA ILE A 117 1.19 18.03 -4.11
C ILE A 117 -0.19 18.43 -3.55
N VAL A 118 -1.24 17.76 -4.02
CA VAL A 118 -2.61 18.04 -3.62
C VAL A 118 -2.94 17.08 -2.46
N ARG A 119 -2.61 17.51 -1.24
CA ARG A 119 -2.67 16.67 -0.03
C ARG A 119 -4.03 16.07 0.24
N GLU A 120 -5.06 16.89 0.07
CA GLU A 120 -6.44 16.46 0.29
C GLU A 120 -6.85 15.26 -0.59
N ASN A 121 -6.19 15.08 -1.73
CA ASN A 121 -6.45 13.92 -2.59
C ASN A 121 -5.66 12.64 -2.29
N ILE A 122 -4.72 12.66 -1.34
CA ILE A 122 -3.93 11.45 -1.03
C ILE A 122 -4.76 10.51 -0.15
N GLN A 123 -4.70 9.21 -0.45
CA GLN A 123 -5.31 8.19 0.41
C GLN A 123 -4.78 8.37 1.81
N PRO A 124 -5.69 8.54 2.82
CA PRO A 124 -5.20 8.66 4.20
C PRO A 124 -4.25 7.52 4.59
N GLY A 125 -3.14 7.86 5.25
CA GLY A 125 -2.11 6.89 5.57
C GLY A 125 -0.99 6.72 4.56
N GLN A 126 -1.13 7.32 3.38
CA GLN A 126 -0.14 7.19 2.31
C GLN A 126 0.60 8.49 2.01
N GLU A 127 0.44 9.48 2.87
CA GLU A 127 1.03 10.79 2.66
C GLU A 127 2.57 10.70 2.74
N TYR A 128 3.09 9.78 3.56
CA TYR A 128 4.55 9.57 3.67
C TYR A 128 5.21 9.31 2.30
N ASN A 129 4.47 8.77 1.34
CA ASN A 129 4.99 8.56 -0.02
C ASN A 129 5.32 9.86 -0.78
N PHE A 130 4.91 11.01 -0.24
CA PHE A 130 5.09 12.32 -0.85
C PHE A 130 6.06 13.22 -0.12
N LEU A 131 6.53 12.80 1.06
CA LEU A 131 7.57 13.51 1.77
C LEU A 131 8.79 13.76 0.91
N LYS A 132 9.31 14.99 0.94
CA LYS A 132 10.58 15.29 0.30
C LYS A 132 11.70 14.50 0.96
N MET A 133 12.65 14.02 0.15
CA MET A 133 13.91 13.50 0.64
C MET A 133 14.63 14.64 1.32
N GLU A 134 15.34 14.35 2.40
CA GLU A 134 16.17 15.36 3.04
C GLU A 134 17.38 15.65 2.14
N PRO A 135 17.87 16.91 2.13
CA PRO A 135 18.89 17.33 1.14
C PRO A 135 20.22 16.57 1.20
N GLN A 136 20.60 16.07 2.37
CA GLN A 136 21.81 15.25 2.49
C GLN A 136 21.70 13.87 1.84
N GLU A 137 20.47 13.38 1.62
CA GLU A 137 20.27 12.03 1.09
C GLU A 137 20.33 11.94 -0.44
N VAL A 138 20.29 13.08 -1.13
CA VAL A 138 20.08 13.13 -2.57
C VAL A 138 21.09 14.04 -3.27
N GLU A 139 21.38 13.72 -4.53
CA GLU A 139 22.18 14.57 -5.43
C GLU A 139 21.52 14.61 -6.83
N SER A 140 21.37 15.83 -7.36
CA SER A 140 20.85 16.07 -8.71
C SER A 140 21.91 15.87 -9.79
N LEU A 141 23.17 16.13 -9.43
CA LEU A 141 24.31 16.05 -10.35
C LEU A 141 24.13 17.00 -11.55
N GLY A 142 23.49 18.14 -11.32
CA GLY A 142 23.21 19.12 -12.37
C GLY A 142 22.01 18.84 -13.26
N GLU A 143 21.30 17.72 -13.05
CA GLU A 143 20.17 17.36 -13.89
C GLU A 143 18.93 18.12 -13.43
N THR A 144 18.22 18.67 -14.41
CA THR A 144 16.98 19.40 -14.17
C THR A 144 15.90 18.42 -13.73
N TYR A 145 14.85 18.94 -13.13
CA TYR A 145 13.72 18.15 -12.68
C TYR A 145 13.10 17.42 -13.88
N ASP A 146 13.02 16.10 -13.80
CA ASP A 146 12.66 15.29 -14.96
C ASP A 146 11.23 14.73 -14.83
N PHE A 147 10.29 15.44 -15.45
CA PHE A 147 8.89 15.02 -15.52
C PHE A 147 8.69 13.66 -16.23
N ASP A 148 9.55 13.40 -17.22
CA ASP A 148 9.60 12.15 -18.00
C ASP A 148 10.25 10.93 -17.35
N SER A 149 10.86 11.10 -16.19
CA SER A 149 11.56 10.00 -15.53
C SER A 149 10.67 8.78 -15.33
N ILE A 150 11.26 7.60 -15.52
CA ILE A 150 10.63 6.33 -15.17
C ILE A 150 10.40 6.23 -13.64
N MET A 151 11.09 7.07 -12.86
CA MET A 151 10.94 7.14 -11.40
C MET A 151 9.91 8.18 -10.94
N HIS A 152 9.23 8.84 -11.87
CA HIS A 152 8.24 9.86 -11.53
C HIS A 152 6.87 9.25 -11.36
N TYR A 153 6.20 9.58 -10.26
CA TYR A 153 4.78 9.19 -10.06
C TYR A 153 3.87 9.72 -11.17
N ALA A 154 2.75 9.03 -11.38
CA ALA A 154 1.70 9.54 -12.25
C ALA A 154 0.93 10.61 -11.51
N ARG A 155 0.08 11.30 -12.25
CA ARG A 155 -0.74 12.38 -11.70
C ARG A 155 -1.63 11.99 -10.51
N ASN A 156 -2.05 10.73 -10.46
CA ASN A 156 -3.06 10.25 -9.49
C ASN A 156 -2.57 9.07 -8.64
N THR A 157 -1.25 8.94 -8.49
CA THR A 157 -0.66 7.86 -7.69
C THR A 157 -1.02 8.08 -6.22
N PHE A 158 -1.48 6.99 -5.57
CA PHE A 158 -2.02 7.02 -4.22
C PHE A 158 -3.15 8.04 -4.02
N SER A 159 -3.96 8.24 -5.05
CA SER A 159 -5.10 9.16 -4.94
C SER A 159 -6.32 8.44 -4.38
N ARG A 160 -7.18 9.21 -3.74
CA ARG A 160 -8.47 8.69 -3.29
C ARG A 160 -9.33 8.18 -4.45
N GLY A 161 -9.09 8.71 -5.66
CA GLY A 161 -9.76 8.21 -6.86
C GLY A 161 -9.05 8.65 -8.12
N ILE A 162 -9.22 7.85 -9.19
CA ILE A 162 -8.50 8.05 -10.46
C ILE A 162 -8.67 9.44 -11.09
N PHE A 163 -9.83 10.06 -10.90
CA PHE A 163 -10.09 11.40 -11.40
C PHE A 163 -9.65 12.52 -10.44
N LEU A 164 -9.00 12.18 -9.34
CA LEU A 164 -8.41 13.17 -8.43
C LEU A 164 -6.89 13.12 -8.52
N ASP A 165 -6.28 14.28 -8.79
CA ASP A 165 -4.82 14.37 -8.89
C ASP A 165 -4.18 14.58 -7.54
N THR A 166 -3.07 13.87 -7.33
CA THR A 166 -2.21 14.10 -6.17
C THR A 166 -0.97 14.91 -6.49
N ILE A 167 -0.57 14.92 -7.77
CA ILE A 167 0.61 15.65 -8.25
C ILE A 167 0.23 16.43 -9.51
N VAL A 168 0.47 17.75 -9.48
CA VAL A 168 0.15 18.64 -10.60
C VAL A 168 1.39 19.48 -10.93
N PRO A 169 2.00 19.27 -12.12
CA PRO A 169 3.10 20.13 -12.56
C PRO A 169 2.77 21.60 -12.48
N LYS A 170 3.76 22.42 -12.13
CA LYS A 170 3.52 23.84 -11.84
C LYS A 170 3.55 24.78 -13.04
N TYR A 171 4.12 24.33 -14.16
CA TYR A 171 4.33 25.18 -15.34
C TYR A 171 4.28 24.36 -16.63
N GLU A 172 4.20 25.06 -17.75
CA GLU A 172 4.17 24.45 -19.08
C GLU A 172 5.57 24.20 -19.65
N VAL A 173 5.70 23.11 -20.38
CA VAL A 173 6.93 22.68 -21.07
C VAL A 173 6.54 22.45 -22.54
N ASN A 174 6.97 23.36 -23.42
CA ASN A 174 6.67 23.29 -24.86
C ASN A 174 5.18 23.55 -25.11
N GLY A 175 4.69 24.66 -24.56
CA GLY A 175 3.26 25.00 -24.60
C GLY A 175 2.28 24.16 -23.75
N VAL A 176 2.75 23.05 -23.16
CA VAL A 176 1.86 22.04 -22.56
C VAL A 176 2.29 21.67 -21.15
N LYS A 177 1.32 21.35 -20.29
CA LYS A 177 1.60 20.76 -18.98
C LYS A 177 2.30 19.43 -19.21
N PRO A 178 3.50 19.24 -18.64
CA PRO A 178 4.24 18.02 -18.99
C PRO A 178 3.55 16.75 -18.46
N PRO A 179 3.40 15.71 -19.31
CA PRO A 179 2.89 14.45 -18.78
C PRO A 179 3.85 13.81 -17.77
N ILE A 180 3.29 13.13 -16.77
CA ILE A 180 4.09 12.46 -15.72
C ILE A 180 3.59 11.03 -15.50
N GLY A 181 4.52 10.14 -15.13
CA GLY A 181 4.19 8.77 -14.76
C GLY A 181 4.40 7.73 -15.84
N GLN A 182 5.16 8.06 -16.88
CA GLN A 182 5.41 7.12 -17.97
C GLN A 182 6.16 5.87 -17.48
N ARG A 183 5.74 4.70 -17.96
CA ARG A 183 6.41 3.45 -17.63
C ARG A 183 6.66 2.65 -18.90
N THR A 184 7.27 3.33 -19.87
CA THR A 184 7.52 2.78 -21.19
C THR A 184 9.01 2.53 -21.36
N ARG A 185 9.82 3.57 -21.11
CA ARG A 185 11.28 3.47 -21.22
C ARG A 185 11.99 4.51 -20.34
N LEU A 186 13.30 4.34 -20.23
CA LEU A 186 14.15 5.27 -19.52
C LEU A 186 14.17 6.57 -20.27
N SER A 187 13.99 7.66 -19.54
CA SER A 187 14.08 8.99 -20.12
C SER A 187 15.51 9.38 -20.44
N LYS A 188 15.63 10.45 -21.23
CA LYS A 188 16.90 11.12 -21.47
C LYS A 188 17.54 11.45 -20.11
N GLY A 189 16.74 12.05 -19.22
CA GLY A 189 17.17 12.36 -17.85
C GLY A 189 17.62 11.17 -17.00
N ASP A 190 16.89 10.05 -17.09
CA ASP A 190 17.25 8.83 -16.35
C ASP A 190 18.63 8.32 -16.80
N ILE A 191 18.87 8.36 -18.10
CA ILE A 191 20.15 7.91 -18.67
C ILE A 191 21.25 8.87 -18.28
N ALA A 192 21.04 10.17 -18.52
CA ALA A 192 22.04 11.18 -18.17
C ALA A 192 22.41 11.11 -16.69
N GLN A 193 21.41 10.94 -15.82
CA GLN A 193 21.66 10.89 -14.38
C GLN A 193 22.34 9.58 -13.95
N ALA A 194 21.97 8.47 -14.58
CA ALA A 194 22.63 7.18 -14.35
C ALA A 194 24.09 7.19 -14.82
N ARG A 195 24.33 7.77 -15.99
CA ARG A 195 25.71 7.90 -16.50
C ARG A 195 26.60 8.71 -15.55
N LYS A 196 26.08 9.82 -15.03
CA LYS A 196 26.79 10.63 -14.03
C LYS A 196 27.08 9.88 -12.74
N LEU A 197 26.06 9.21 -12.18
CA LEU A 197 26.21 8.49 -10.91
C LEU A 197 27.23 7.36 -10.96
N TYR A 198 27.34 6.70 -12.12
CA TYR A 198 28.30 5.61 -12.32
C TYR A 198 29.53 6.00 -13.15
N LYS A 199 29.66 7.28 -13.49
CA LYS A 199 30.86 7.84 -14.11
C LYS A 199 31.19 7.12 -15.41
N CYS A 200 30.16 6.95 -16.23
CA CYS A 200 30.25 6.14 -17.43
C CYS A 200 31.06 6.87 -18.51
N PRO A 201 32.00 6.15 -19.18
CA PRO A 201 32.78 6.77 -20.26
C PRO A 201 31.89 7.40 -21.35
N ALA A 202 32.21 8.63 -21.75
CA ALA A 202 31.53 9.30 -22.86
C ALA A 202 31.96 8.70 -24.18
N ALA B 2 -8.35 -9.60 14.64
CA ALA B 2 -9.04 -9.83 15.94
C ALA B 2 -10.56 -9.86 15.71
N ALA B 3 -11.24 -10.91 16.16
CA ALA B 3 -12.66 -11.07 15.94
C ALA B 3 -13.48 -11.03 17.24
N THR B 4 -14.78 -10.82 17.12
CA THR B 4 -15.69 -10.91 18.26
C THR B 4 -15.73 -12.34 18.83
N SER B 5 -15.77 -12.41 20.15
CA SER B 5 -15.88 -13.68 20.87
C SER B 5 -17.33 -14.07 21.16
N ARG B 6 -18.28 -13.23 20.74
CA ARG B 6 -19.68 -13.41 21.09
C ARG B 6 -20.40 -14.17 19.99
N PRO B 7 -20.87 -15.41 20.27
CA PRO B 7 -21.54 -16.21 19.23
C PRO B 7 -22.73 -15.50 18.61
N GLU B 8 -23.49 -14.75 19.40
CA GLU B 8 -24.68 -14.06 18.90
C GLU B 8 -24.38 -13.00 17.84
N ARG B 9 -23.15 -12.50 17.81
CA ARG B 9 -22.72 -11.54 16.80
C ARG B 9 -22.19 -12.16 15.50
N VAL B 10 -22.03 -13.48 15.46
CA VAL B 10 -21.57 -14.14 14.26
C VAL B 10 -22.81 -14.38 13.42
N TRP B 11 -22.79 -13.94 12.16
CA TRP B 11 -23.95 -14.09 11.28
C TRP B 11 -24.24 -15.60 11.04
N PRO B 12 -25.51 -16.06 11.25
CA PRO B 12 -25.85 -17.47 11.07
C PRO B 12 -25.48 -18.03 9.70
N ASP B 13 -24.69 -19.11 9.70
CA ASP B 13 -24.20 -19.79 8.50
CA ASP B 13 -24.25 -19.78 8.46
C ASP B 13 -23.45 -18.86 7.52
N GLY B 14 -22.89 -17.77 8.04
CA GLY B 14 -22.21 -16.78 7.23
C GLY B 14 -23.08 -15.98 6.27
N VAL B 15 -24.40 -15.97 6.49
CA VAL B 15 -25.34 -15.33 5.55
C VAL B 15 -25.60 -13.91 6.03
N ILE B 16 -25.24 -12.94 5.20
CA ILE B 16 -25.48 -11.53 5.52
C ILE B 16 -26.38 -10.91 4.45
N PRO B 17 -27.70 -10.83 4.73
CA PRO B 17 -28.55 -10.16 3.75
C PRO B 17 -28.26 -8.67 3.73
N PHE B 18 -28.42 -8.04 2.57
CA PHE B 18 -28.22 -6.59 2.45
C PHE B 18 -29.31 -5.88 1.67
N VAL B 19 -29.40 -4.58 1.94
CA VAL B 19 -30.19 -3.64 1.15
C VAL B 19 -29.30 -2.41 0.91
N ILE B 20 -29.44 -1.77 -0.24
CA ILE B 20 -28.80 -0.49 -0.49
C ILE B 20 -29.85 0.61 -0.42
N GLY B 21 -29.63 1.58 0.45
CA GLY B 21 -30.55 2.69 0.60
C GLY B 21 -30.53 3.68 -0.55
N GLY B 22 -31.31 4.74 -0.40
CA GLY B 22 -31.48 5.74 -1.43
C GLY B 22 -30.28 6.65 -1.58
N ASN B 23 -30.22 7.28 -2.76
CA ASN B 23 -29.31 8.39 -3.07
C ASN B 23 -27.84 8.04 -3.27
N PHE B 24 -27.58 6.82 -3.75
CA PHE B 24 -26.25 6.46 -4.24
C PHE B 24 -26.28 6.42 -5.77
N THR B 25 -25.17 6.80 -6.41
CA THR B 25 -25.03 6.68 -7.87
C THR B 25 -24.93 5.21 -8.23
N GLY B 26 -25.18 4.87 -9.49
CA GLY B 26 -24.95 3.51 -10.01
C GLY B 26 -23.53 2.98 -9.77
N SER B 27 -22.55 3.87 -9.95
CA SER B 27 -21.17 3.54 -9.70
C SER B 27 -20.89 3.23 -8.22
N GLN B 28 -21.49 4.00 -7.32
CA GLN B 28 -21.31 3.75 -5.89
C GLN B 28 -21.91 2.44 -5.45
N ARG B 29 -23.09 2.12 -5.96
CA ARG B 29 -23.73 0.84 -5.67
C ARG B 29 -22.87 -0.33 -6.18
N ALA B 30 -22.27 -0.16 -7.36
CA ALA B 30 -21.37 -1.18 -7.90
C ALA B 30 -20.13 -1.38 -7.01
N VAL B 31 -19.62 -0.32 -6.39
CA VAL B 31 -18.53 -0.45 -5.41
C VAL B 31 -18.97 -1.30 -4.21
N PHE B 32 -20.17 -1.06 -3.70
CA PHE B 32 -20.68 -1.88 -2.59
C PHE B 32 -20.71 -3.36 -3.00
N ARG B 33 -21.29 -3.65 -4.18
CA ARG B 33 -21.36 -5.05 -4.66
C ARG B 33 -19.98 -5.67 -4.88
N GLN B 34 -19.08 -4.91 -5.50
CA GLN B 34 -17.65 -5.25 -5.62
C GLN B 34 -17.00 -5.61 -4.28
N ALA B 35 -17.24 -4.79 -3.25
CA ALA B 35 -16.69 -5.03 -1.92
C ALA B 35 -17.23 -6.32 -1.29
N MET B 36 -18.55 -6.54 -1.41
CA MET B 36 -19.15 -7.79 -0.91
C MET B 36 -18.63 -9.02 -1.68
N ARG B 37 -18.53 -8.91 -3.00
CA ARG B 37 -17.99 -10.02 -3.82
C ARG B 37 -16.54 -10.35 -3.46
N HIS B 38 -15.76 -9.34 -3.13
CA HIS B 38 -14.37 -9.56 -2.70
C HIS B 38 -14.32 -10.41 -1.43
N TRP B 39 -15.22 -10.13 -0.49
CA TRP B 39 -15.38 -10.98 0.69
C TRP B 39 -15.76 -12.42 0.34
N GLU B 40 -16.70 -12.56 -0.59
CA GLU B 40 -17.21 -13.88 -1.01
C GLU B 40 -16.19 -14.72 -1.76
N LYS B 41 -15.28 -14.05 -2.49
CA LYS B 41 -14.29 -14.72 -3.33
C LYS B 41 -13.30 -15.56 -2.52
N HIS B 42 -12.96 -15.08 -1.32
CA HIS B 42 -11.94 -15.69 -0.49
C HIS B 42 -12.45 -16.37 0.79
N THR B 43 -13.75 -16.23 1.09
CA THR B 43 -14.37 -16.81 2.29
C THR B 43 -15.68 -17.54 1.94
N CYS B 44 -16.29 -18.20 2.93
CA CYS B 44 -17.61 -18.83 2.79
C CYS B 44 -18.80 -17.90 3.16
N VAL B 45 -18.52 -16.62 3.43
CA VAL B 45 -19.56 -15.63 3.72
C VAL B 45 -20.39 -15.39 2.46
N THR B 46 -21.70 -15.26 2.64
CA THR B 46 -22.63 -15.01 1.54
C THR B 46 -23.35 -13.68 1.80
N PHE B 47 -23.17 -12.73 0.89
CA PHE B 47 -23.97 -11.50 0.84
C PHE B 47 -25.04 -11.69 -0.23
N LEU B 48 -26.30 -11.47 0.11
CA LEU B 48 -27.41 -11.56 -0.87
C LEU B 48 -28.47 -10.52 -0.57
N GLU B 49 -29.21 -10.16 -1.61
CA GLU B 49 -30.25 -9.15 -1.49
C GLU B 49 -31.32 -9.63 -0.52
N ARG B 50 -31.60 -8.78 0.47
CA ARG B 50 -32.54 -9.10 1.51
C ARG B 50 -33.95 -9.23 0.96
N THR B 51 -34.67 -10.27 1.38
CA THR B 51 -36.06 -10.47 1.02
C THR B 51 -36.93 -10.51 2.27
N ASP B 52 -36.88 -11.62 3.01
CA ASP B 52 -37.73 -11.85 4.17
C ASP B 52 -36.95 -11.96 5.47
N GLU B 53 -35.65 -11.68 5.43
CA GLU B 53 -34.81 -11.88 6.61
C GLU B 53 -35.07 -10.76 7.60
N ASP B 54 -35.06 -11.11 8.88
CA ASP B 54 -35.32 -10.16 9.94
C ASP B 54 -34.16 -9.17 10.14
N SER B 55 -32.94 -9.73 10.24
CA SER B 55 -31.71 -8.97 10.41
C SER B 55 -30.91 -8.88 9.11
N TYR B 56 -30.39 -7.70 8.86
CA TYR B 56 -29.67 -7.41 7.63
C TYR B 56 -28.93 -6.09 7.74
N ILE B 57 -28.03 -5.86 6.79
CA ILE B 57 -27.28 -4.61 6.72
C ILE B 57 -27.92 -3.70 5.68
N VAL B 58 -27.77 -2.40 5.89
CA VAL B 58 -28.31 -1.39 4.97
C VAL B 58 -27.21 -0.37 4.70
N PHE B 59 -26.76 -0.30 3.44
CA PHE B 59 -25.83 0.76 3.03
C PHE B 59 -26.63 2.06 3.02
N THR B 60 -26.22 3.02 3.84
CA THR B 60 -27.03 4.20 4.13
C THR B 60 -26.23 5.48 3.88
N TYR B 61 -26.82 6.37 3.10
CA TYR B 61 -26.28 7.68 2.79
C TYR B 61 -26.41 8.56 4.02
N ARG B 62 -25.30 8.77 4.69
CA ARG B 62 -25.25 9.63 5.87
C ARG B 62 -23.78 9.87 6.25
N PRO B 63 -23.50 10.77 7.21
CA PRO B 63 -22.12 11.06 7.56
C PRO B 63 -21.30 9.84 8.01
N CYS B 64 -20.01 9.86 7.67
CA CYS B 64 -19.07 8.80 8.04
C CYS B 64 -18.77 8.83 9.53
N GLY B 65 -19.37 7.92 10.30
CA GLY B 65 -19.24 7.96 11.77
C GLY B 65 -17.94 7.42 12.32
N CYS B 66 -17.77 7.52 13.65
CA CYS B 66 -16.56 7.07 14.35
C CYS B 66 -16.48 5.59 14.68
N CYS B 67 -17.62 4.98 15.01
CA CYS B 67 -17.58 3.84 15.94
C CYS B 67 -18.48 2.70 15.48
N SER B 68 -18.12 2.13 14.33
CA SER B 68 -18.94 1.12 13.64
C SER B 68 -19.22 -0.07 14.56
N TYR B 69 -20.46 -0.59 14.48
CA TYR B 69 -20.85 -1.78 15.24
C TYR B 69 -20.13 -2.99 14.65
N VAL B 70 -19.78 -3.93 15.51
CA VAL B 70 -18.99 -5.09 15.13
C VAL B 70 -19.85 -6.33 15.26
N GLY B 71 -20.06 -7.03 14.14
CA GLY B 71 -20.90 -8.21 14.09
C GLY B 71 -22.38 -7.91 13.87
N ARG B 72 -23.18 -8.96 13.98
CA ARG B 72 -24.62 -8.88 13.79
C ARG B 72 -25.24 -8.29 15.04
N ARG B 73 -25.93 -7.17 14.89
CA ARG B 73 -26.64 -6.52 16.00
C ARG B 73 -27.88 -7.32 16.39
N GLY B 74 -28.53 -7.92 15.40
CA GLY B 74 -29.74 -8.71 15.64
C GLY B 74 -30.95 -7.82 15.86
N GLY B 75 -32.12 -8.45 15.80
CA GLY B 75 -33.39 -7.78 16.04
C GLY B 75 -33.76 -6.69 15.05
N GLY B 76 -33.33 -6.84 13.79
CA GLY B 76 -33.68 -5.90 12.74
C GLY B 76 -32.49 -5.40 11.94
N PRO B 77 -32.72 -4.43 11.05
CA PRO B 77 -31.62 -3.92 10.23
C PRO B 77 -30.57 -3.15 11.00
N GLN B 78 -29.38 -3.09 10.44
CA GLN B 78 -28.31 -2.25 10.94
C GLN B 78 -27.67 -1.51 9.76
N ALA B 79 -27.23 -0.27 10.03
CA ALA B 79 -26.70 0.60 9.00
C ALA B 79 -25.20 0.45 8.82
N ILE B 80 -24.75 0.55 7.57
CA ILE B 80 -23.38 0.92 7.25
C ILE B 80 -23.43 2.34 6.68
N SER B 81 -22.89 3.29 7.43
CA SER B 81 -22.84 4.69 7.01
C SER B 81 -21.88 4.89 5.84
N ILE B 82 -22.40 5.37 4.72
CA ILE B 82 -21.56 5.68 3.56
C ILE B 82 -21.75 7.16 3.25
N GLY B 83 -20.67 7.91 3.44
CA GLY B 83 -20.63 9.36 3.18
C GLY B 83 -19.53 9.69 2.21
N LYS B 84 -19.37 10.98 1.93
CA LYS B 84 -18.37 11.47 0.97
C LYS B 84 -16.96 10.96 1.31
N ASN B 85 -16.63 10.90 2.59
CA ASN B 85 -15.29 10.55 3.03
C ASN B 85 -15.03 9.06 3.29
N CYS B 86 -15.99 8.19 2.96
CA CYS B 86 -15.88 6.76 3.30
C CYS B 86 -16.67 5.86 2.34
N ASP B 87 -16.48 6.08 1.03
CA ASP B 87 -17.21 5.33 -0.02
C ASP B 87 -16.34 4.54 -1.02
N LYS B 88 -15.03 4.51 -0.82
CA LYS B 88 -14.13 3.83 -1.75
C LYS B 88 -14.07 2.35 -1.44
N PHE B 89 -13.69 1.58 -2.46
CA PHE B 89 -13.69 0.11 -2.38
C PHE B 89 -13.10 -0.41 -1.07
N GLY B 90 -11.89 0.06 -0.77
CA GLY B 90 -11.10 -0.44 0.35
C GLY B 90 -11.68 -0.13 1.71
N ILE B 91 -12.30 1.04 1.83
CA ILE B 91 -12.97 1.45 3.05
C ILE B 91 -14.24 0.64 3.24
N VAL B 92 -14.99 0.37 2.16
CA VAL B 92 -16.19 -0.46 2.29
C VAL B 92 -15.79 -1.88 2.72
N VAL B 93 -14.73 -2.41 2.13
CA VAL B 93 -14.19 -3.73 2.51
C VAL B 93 -13.91 -3.74 4.03
N HIS B 94 -13.26 -2.68 4.51
CA HIS B 94 -12.96 -2.51 5.94
C HIS B 94 -14.24 -2.50 6.77
N GLU B 95 -15.20 -1.68 6.36
CA GLU B 95 -16.48 -1.60 7.10
C GLU B 95 -17.23 -2.93 7.09
N LEU B 96 -17.22 -3.63 5.97
CA LEU B 96 -17.79 -4.97 5.91
C LEU B 96 -17.08 -5.92 6.88
N GLY B 97 -15.77 -5.72 7.06
CA GLY B 97 -15.00 -6.43 8.07
C GLY B 97 -15.60 -6.29 9.45
N HIS B 98 -15.98 -5.07 9.81
CA HIS B 98 -16.65 -4.85 11.08
C HIS B 98 -17.98 -5.62 11.12
N VAL B 99 -18.77 -5.49 10.06
CA VAL B 99 -20.04 -6.21 9.93
C VAL B 99 -19.93 -7.72 10.19
N VAL B 100 -18.90 -8.35 9.62
CA VAL B 100 -18.75 -9.81 9.76
C VAL B 100 -18.22 -10.21 11.14
N GLY B 101 -17.69 -9.24 11.91
CA GLY B 101 -17.29 -9.43 13.31
C GLY B 101 -15.83 -9.13 13.66
N PHE B 102 -15.13 -8.37 12.82
CA PHE B 102 -13.72 -8.01 13.03
C PHE B 102 -13.54 -6.65 13.77
N TRP B 103 -12.63 -6.65 14.73
CA TRP B 103 -12.18 -5.44 15.40
C TRP B 103 -11.00 -4.84 14.64
N HIS B 104 -10.68 -3.62 15.00
CA HIS B 104 -9.40 -3.02 14.61
C HIS B 104 -8.23 -3.81 15.19
N GLU B 105 -7.29 -4.17 14.31
CA GLU B 105 -6.14 -4.98 14.70
C GLU B 105 -5.26 -4.34 15.79
N HIS B 106 -5.07 -3.02 15.73
CA HIS B 106 -4.25 -2.33 16.72
C HIS B 106 -4.77 -2.36 18.17
N THR B 107 -6.03 -2.75 18.39
CA THR B 107 -6.61 -2.85 19.74
C THR B 107 -6.55 -4.24 20.36
N ARG B 108 -5.91 -5.18 19.67
CA ARG B 108 -5.59 -6.49 20.25
C ARG B 108 -4.97 -6.34 21.63
N PRO B 109 -5.37 -7.21 22.59
CA PRO B 109 -4.75 -7.25 23.92
C PRO B 109 -3.23 -7.36 23.89
N ASP B 110 -2.68 -8.06 22.89
CA ASP B 110 -1.22 -8.24 22.78
C ASP B 110 -0.51 -7.21 21.87
N ARG B 111 -1.18 -6.11 21.53
CA ARG B 111 -0.69 -5.17 20.50
C ARG B 111 0.63 -4.47 20.87
N ASP B 112 0.87 -4.22 22.16
CA ASP B 112 2.13 -3.60 22.63
C ASP B 112 3.38 -4.42 22.34
N ARG B 113 3.22 -5.70 22.04
CA ARG B 113 4.32 -6.51 21.51
C ARG B 113 4.71 -6.10 20.09
N HIS B 114 3.76 -5.55 19.34
CA HIS B 114 3.91 -5.37 17.90
C HIS B 114 3.95 -3.93 17.41
N VAL B 115 3.28 -3.02 18.12
CA VAL B 115 3.27 -1.59 17.76
C VAL B 115 3.45 -0.69 19.00
N SER B 116 4.08 0.47 18.80
CA SER B 116 4.07 1.55 19.78
C SER B 116 2.97 2.52 19.41
N ILE B 117 2.23 2.99 20.41
CA ILE B 117 1.27 4.06 20.23
C ILE B 117 1.98 5.34 20.67
N VAL B 118 2.06 6.30 19.74
CA VAL B 118 2.75 7.57 20.01
C VAL B 118 1.71 8.54 20.54
N ARG B 119 1.47 8.46 21.84
CA ARG B 119 0.36 9.14 22.49
C ARG B 119 0.38 10.68 22.33
N GLU B 120 1.58 11.26 22.41
CA GLU B 120 1.74 12.71 22.20
C GLU B 120 1.26 13.21 20.83
N ASN B 121 1.15 12.31 19.84
CA ASN B 121 0.62 12.69 18.51
C ASN B 121 -0.88 12.47 18.29
N ILE B 122 -1.60 11.91 19.28
CA ILE B 122 -3.05 11.65 19.10
C ILE B 122 -3.84 12.95 19.25
N GLN B 123 -4.71 13.25 18.28
CA GLN B 123 -5.65 14.39 18.36
C GLN B 123 -6.37 14.33 19.72
N PRO B 124 -6.34 15.43 20.52
CA PRO B 124 -7.10 15.45 21.76
C PRO B 124 -8.56 15.06 21.53
N GLY B 125 -9.06 14.15 22.37
CA GLY B 125 -10.42 13.60 22.22
C GLY B 125 -10.53 12.31 21.43
N GLN B 126 -9.45 11.88 20.78
CA GLN B 126 -9.43 10.68 19.95
C GLN B 126 -8.66 9.50 20.57
N GLU B 127 -8.26 9.64 21.83
CA GLU B 127 -7.44 8.62 22.51
C GLU B 127 -8.22 7.31 22.68
N TYR B 128 -9.54 7.43 22.83
CA TYR B 128 -10.43 6.26 22.99
C TYR B 128 -10.30 5.24 21.86
N ASN B 129 -9.96 5.70 20.65
CA ASN B 129 -9.74 4.85 19.48
C ASN B 129 -8.55 3.90 19.57
N PHE B 130 -7.65 4.15 20.53
CA PHE B 130 -6.40 3.41 20.66
C PHE B 130 -6.32 2.51 21.89
N LEU B 131 -7.37 2.49 22.71
CA LEU B 131 -7.39 1.67 23.91
C LEU B 131 -7.47 0.21 23.52
N LYS B 132 -6.65 -0.62 24.18
CA LYS B 132 -6.70 -2.05 23.96
C LYS B 132 -8.04 -2.59 24.41
N MET B 133 -8.51 -3.60 23.69
CA MET B 133 -9.69 -4.36 24.10
CA MET B 133 -9.68 -4.36 24.10
C MET B 133 -9.30 -5.35 25.18
N GLU B 134 -10.29 -5.81 25.94
CA GLU B 134 -10.08 -6.82 26.96
C GLU B 134 -10.13 -8.19 26.27
N PRO B 135 -9.28 -9.14 26.69
CA PRO B 135 -9.26 -10.45 26.05
C PRO B 135 -10.60 -11.19 25.95
N GLN B 136 -11.49 -11.00 26.93
CA GLN B 136 -12.79 -11.67 26.89
C GLN B 136 -13.60 -11.38 25.63
N GLU B 137 -13.42 -10.19 25.04
CA GLU B 137 -14.18 -9.79 23.85
C GLU B 137 -13.53 -10.15 22.52
N VAL B 138 -12.43 -10.89 22.56
CA VAL B 138 -11.60 -11.14 21.40
C VAL B 138 -11.42 -12.64 21.23
N GLU B 139 -11.74 -13.15 20.04
CA GLU B 139 -11.80 -14.60 19.82
C GLU B 139 -10.39 -15.19 19.58
N SER B 140 -10.19 -16.41 20.08
CA SER B 140 -8.91 -17.09 19.97
C SER B 140 -8.85 -17.89 18.66
N LEU B 141 -8.52 -17.20 17.58
CA LEU B 141 -8.40 -17.83 16.27
C LEU B 141 -6.94 -18.15 15.92
N GLY B 142 -6.05 -18.06 16.92
CA GLY B 142 -4.63 -18.37 16.76
C GLY B 142 -3.92 -17.65 15.63
N GLU B 143 -4.31 -16.40 15.36
CA GLU B 143 -3.69 -15.58 14.30
C GLU B 143 -2.54 -14.74 14.85
N THR B 144 -1.46 -14.59 14.09
CA THR B 144 -0.37 -13.67 14.46
C THR B 144 -0.80 -12.23 14.16
N TYR B 145 -0.11 -11.26 14.76
CA TYR B 145 -0.41 -9.85 14.57
C TYR B 145 -0.25 -9.48 13.09
N ASP B 146 -1.34 -9.01 12.48
CA ASP B 146 -1.40 -8.78 11.03
C ASP B 146 -1.26 -7.30 10.68
N PHE B 147 -0.03 -6.88 10.42
CA PHE B 147 0.27 -5.50 9.96
C PHE B 147 -0.39 -5.18 8.61
N ASP B 148 -0.56 -6.22 7.79
CA ASP B 148 -1.19 -6.11 6.47
CA ASP B 148 -1.18 -6.09 6.47
C ASP B 148 -2.73 -6.12 6.50
N SER B 149 -3.35 -6.26 7.68
CA SER B 149 -4.82 -6.35 7.72
C SER B 149 -5.53 -5.12 7.16
N ILE B 150 -6.61 -5.35 6.41
CA ILE B 150 -7.52 -4.30 5.98
C ILE B 150 -8.16 -3.57 7.19
N MET B 151 -8.12 -4.21 8.37
CA MET B 151 -8.58 -3.63 9.63
C MET B 151 -7.50 -2.87 10.41
N HIS B 152 -6.27 -2.80 9.89
CA HIS B 152 -5.20 -2.09 10.60
C HIS B 152 -5.22 -0.60 10.28
N TYR B 153 -5.20 0.23 11.32
CA TYR B 153 -5.03 1.68 11.17
C TYR B 153 -3.75 2.02 10.40
N ALA B 154 -3.81 3.15 9.68
CA ALA B 154 -2.61 3.74 9.10
C ALA B 154 -1.65 4.25 10.18
N ARG B 155 -0.44 4.59 9.77
CA ARG B 155 0.58 5.11 10.68
C ARG B 155 0.22 6.45 11.35
N ASN B 156 -0.69 7.21 10.75
CA ASN B 156 -1.01 8.58 11.19
C ASN B 156 -2.52 8.79 11.40
N THR B 157 -3.22 7.70 11.70
CA THR B 157 -4.65 7.76 11.94
C THR B 157 -4.88 8.58 13.22
N PHE B 158 -5.84 9.50 13.14
CA PHE B 158 -6.17 10.44 14.22
C PHE B 158 -4.96 11.22 14.77
N SER B 159 -4.02 11.53 13.89
CA SER B 159 -2.83 12.26 14.27
C SER B 159 -3.05 13.77 14.27
N ARG B 160 -2.28 14.45 15.11
CA ARG B 160 -2.23 15.91 15.12
CA ARG B 160 -2.20 15.92 15.12
C ARG B 160 -1.72 16.46 13.77
N GLY B 161 -0.87 15.69 13.09
CA GLY B 161 -0.39 16.06 11.75
C GLY B 161 -0.15 14.84 10.86
N ILE B 162 -0.27 15.01 9.54
CA ILE B 162 -0.13 13.89 8.60
C ILE B 162 1.27 13.23 8.60
N PHE B 163 2.30 13.97 9.01
CA PHE B 163 3.67 13.42 9.13
C PHE B 163 4.12 13.23 10.58
N LEU B 164 3.16 13.12 11.50
CA LEU B 164 3.41 12.75 12.87
C LEU B 164 2.70 11.43 13.13
N ASP B 165 3.47 10.36 13.33
CA ASP B 165 2.87 9.03 13.52
C ASP B 165 2.22 8.84 14.87
N THR B 166 1.08 8.16 14.86
CA THR B 166 0.40 7.68 16.04
C THR B 166 0.68 6.18 16.27
N ILE B 167 1.04 5.45 15.22
CA ILE B 167 1.35 4.03 15.34
C ILE B 167 2.67 3.72 14.62
N VAL B 168 3.59 3.08 15.34
CA VAL B 168 4.89 2.68 14.80
C VAL B 168 5.14 1.21 15.14
N PRO B 169 5.25 0.35 14.10
CA PRO B 169 5.61 -1.05 14.33
C PRO B 169 6.96 -1.17 15.05
N LYS B 170 7.05 -2.14 15.96
CA LYS B 170 8.19 -2.23 16.87
C LYS B 170 9.44 -2.87 16.27
N TYR B 171 9.28 -3.66 15.21
CA TYR B 171 10.38 -4.43 14.65
C TYR B 171 10.22 -4.60 13.15
N GLU B 172 11.28 -5.05 12.51
CA GLU B 172 11.30 -5.27 11.06
C GLU B 172 10.76 -6.65 10.67
N VAL B 173 10.12 -6.72 9.50
CA VAL B 173 9.63 -7.96 8.88
C VAL B 173 10.09 -7.95 7.42
N ASN B 174 10.81 -9.00 7.01
CA ASN B 174 11.50 -9.06 5.70
C ASN B 174 12.55 -7.92 5.59
N GLY B 175 13.27 -7.65 6.68
CA GLY B 175 14.29 -6.60 6.70
C GLY B 175 13.81 -5.16 6.61
N VAL B 176 12.53 -4.90 6.91
CA VAL B 176 12.01 -3.51 6.93
C VAL B 176 10.79 -3.35 7.85
N LYS B 177 10.56 -2.13 8.34
CA LYS B 177 9.34 -1.78 9.08
C LYS B 177 8.10 -2.09 8.23
N PRO B 178 7.19 -2.95 8.74
CA PRO B 178 6.02 -3.29 7.95
C PRO B 178 5.14 -2.08 7.69
N PRO B 179 4.70 -1.86 6.42
CA PRO B 179 3.69 -0.83 6.21
C PRO B 179 2.35 -1.22 6.86
N ILE B 180 1.64 -0.22 7.36
CA ILE B 180 0.32 -0.44 7.97
C ILE B 180 -0.70 0.49 7.34
N GLY B 181 -1.96 0.06 7.36
CA GLY B 181 -3.08 0.84 6.85
C GLY B 181 -3.48 0.62 5.40
N GLN B 182 -3.07 -0.50 4.80
CA GLN B 182 -3.45 -0.78 3.39
C GLN B 182 -4.96 -0.89 3.25
N ARG B 183 -5.51 -0.36 2.15
CA ARG B 183 -6.93 -0.48 1.84
C ARG B 183 -7.16 -0.93 0.40
N THR B 184 -6.39 -1.96 0.02
CA THR B 184 -6.38 -2.50 -1.32
C THR B 184 -7.14 -3.82 -1.40
N ARG B 185 -6.91 -4.71 -0.44
CA ARG B 185 -7.53 -6.03 -0.45
C ARG B 185 -7.40 -6.71 0.91
N LEU B 186 -8.17 -7.77 1.09
CA LEU B 186 -8.06 -8.61 2.26
C LEU B 186 -6.70 -9.25 2.31
N SER B 187 -6.04 -9.12 3.45
CA SER B 187 -4.79 -9.80 3.67
C SER B 187 -4.98 -11.31 3.80
N LYS B 188 -3.86 -12.02 3.73
CA LYS B 188 -3.83 -13.43 4.06
C LYS B 188 -4.43 -13.68 5.45
N GLY B 189 -4.01 -12.88 6.44
CA GLY B 189 -4.54 -12.92 7.79
C GLY B 189 -6.04 -12.67 7.92
N ASP B 190 -6.56 -11.73 7.13
CA ASP B 190 -8.00 -11.43 7.13
C ASP B 190 -8.79 -12.65 6.64
N ILE B 191 -8.34 -13.22 5.52
CA ILE B 191 -8.97 -14.38 4.92
C ILE B 191 -8.92 -15.57 5.88
N ALA B 192 -7.74 -15.82 6.45
CA ALA B 192 -7.58 -16.92 7.41
C ALA B 192 -8.49 -16.75 8.62
N GLN B 193 -8.48 -15.54 9.18
CA GLN B 193 -9.34 -15.18 10.31
C GLN B 193 -10.84 -15.34 10.00
N ALA B 194 -11.28 -14.85 8.84
CA ALA B 194 -12.68 -15.02 8.44
C ALA B 194 -13.10 -16.49 8.31
N ARG B 195 -12.26 -17.29 7.66
CA ARG B 195 -12.50 -18.72 7.50
C ARG B 195 -12.62 -19.45 8.84
N LYS B 196 -11.81 -19.04 9.82
CA LYS B 196 -11.88 -19.64 11.15
C LYS B 196 -13.15 -19.20 11.87
N LEU B 197 -13.44 -17.90 11.83
CA LEU B 197 -14.63 -17.38 12.48
C LEU B 197 -15.94 -17.98 11.93
N TYR B 198 -16.01 -18.20 10.62
CA TYR B 198 -17.22 -18.76 9.98
C TYR B 198 -17.14 -20.28 9.73
N LYS B 199 -16.09 -20.91 10.27
CA LYS B 199 -15.93 -22.35 10.22
C LYS B 199 -16.09 -22.87 8.79
N CYS B 200 -15.41 -22.19 7.87
CA CYS B 200 -15.53 -22.45 6.44
C CYS B 200 -14.93 -23.81 6.08
N PRO B 201 -15.61 -24.61 5.21
CA PRO B 201 -15.13 -25.95 4.83
C PRO B 201 -13.72 -25.95 4.22
S SCN C . 2.89 16.45 0.87
C SCN C . 4.37 16.83 1.56
N SCN C . 5.40 17.05 2.06
ZN ZN D . 9.19 3.16 -6.80
ZN ZN E . 15.63 11.49 -14.38
C17 E8P F . 8.29 1.98 -1.91
C22 E8P F . 8.36 1.51 -4.40
C28 E8P F . 9.76 1.70 -1.62
C01 E8P F . 2.47 1.53 0.19
C05 E8P F . 3.83 0.94 0.47
C08 E8P F . 4.97 1.83 -0.03
C11 E8P F . 6.16 1.03 -0.57
C14 E8P F . 7.49 1.80 -0.59
C19 E8P F . 7.82 1.07 -3.06
O23 E8P F . 8.64 2.67 -4.66
N24 E8P F . 8.49 0.51 -5.26
O26 E8P F . 9.00 0.80 -6.52
O29 E8P F . 10.15 0.55 -1.52
N30 E8P F . 10.61 2.74 -1.45
C31 E8P F . 10.36 4.20 -1.59
C33 E8P F . 10.77 4.60 -3.01
C36 E8P F . 12.30 4.36 -2.98
C39 E8P F . 12.56 3.99 -1.52
C41 E8P F . 11.50 4.81 -0.78
C44 E8P F . 12.06 2.56 -1.25
C46 E8P F . 12.43 2.15 0.18
O47 E8P F . 11.59 2.04 1.07
N48 E8P F . 13.75 2.00 0.37
C50 E8P F . 14.38 1.70 1.65
C52 E8P F . 15.83 2.19 1.63
O53 E8P F . 16.36 2.66 2.61
O55 E8P F . 16.42 2.06 0.48
C56 E8P F . 14.36 0.20 2.04
C57 E8P F . 14.76 -0.18 3.31
C59 E8P F . 14.76 -1.52 3.68
C61 E8P F . 14.37 -2.49 2.78
C63 E8P F . 13.97 -2.12 1.51
C65 E8P F . 13.97 -0.77 1.14
C1 EDO G . 21.88 -9.03 -19.25
O1 EDO G . 21.80 -8.56 -20.61
C2 EDO G . 20.55 -8.77 -18.56
O2 EDO G . 19.46 -9.22 -19.39
S SCN H . -4.50 -10.88 21.31
C SCN H . -5.83 -11.50 22.15
N SCN H . -6.77 -11.90 22.71
ZN ZN I . -12.83 0.50 11.41
#